data_8OIY
#
_entry.id   8OIY
#
_cell.length_a   52.480
_cell.length_b   56.030
_cell.length_c   56.090
_cell.angle_alpha   60.060
_cell.angle_beta   70.160
_cell.angle_gamma   65.620
#
_symmetry.space_group_name_H-M   'P 1'
#
loop_
_entity.id
_entity.type
_entity.pdbx_description
1 polymer Titin
2 water water
#
_entity_poly.entity_id   1
_entity_poly.type   'polypeptide(L)'
_entity_poly.pdbx_seq_one_letter_code
;GSSERPSPPVNLTSSDQTQSSVQLKWEPPLKDGGSPILGYIIERCEEGKDNWIHCNMKLVPELTYKVTGLEKGNKYLYRV
SAENKAGVSDPSEILGPLTADDAFVE
;
_entity_poly.pdbx_strand_id   A,B,C,D,E,F
#
# COMPACT_ATOMS: atom_id res chain seq x y z
N SER A 3 8.21 -6.00 25.70
CA SER A 3 8.36 -7.35 25.15
C SER A 3 9.28 -7.35 23.94
N GLU A 4 8.91 -6.60 22.90
CA GLU A 4 9.69 -6.57 21.67
C GLU A 4 9.60 -5.18 21.05
N ARG A 5 10.44 -4.97 20.04
CA ARG A 5 10.52 -3.68 19.37
C ARG A 5 9.19 -3.36 18.68
N PRO A 6 8.88 -2.09 18.48
CA PRO A 6 7.66 -1.72 17.76
C PRO A 6 7.85 -1.84 16.26
N SER A 7 6.75 -1.71 15.54
CA SER A 7 6.77 -1.67 14.09
C SER A 7 7.23 -0.28 13.63
N PRO A 8 7.53 -0.13 12.34
CA PRO A 8 8.05 1.17 11.88
C PRO A 8 6.98 2.24 11.95
N PRO A 9 7.36 3.50 12.18
CA PRO A 9 6.42 4.60 11.96
C PRO A 9 5.94 4.61 10.51
N VAL A 10 4.74 5.15 10.31
CA VAL A 10 4.12 5.10 9.00
C VAL A 10 3.77 6.52 8.54
N ASN A 11 3.64 6.65 7.22
CA ASN A 11 3.20 7.90 6.59
CA ASN A 11 3.20 7.89 6.58
C ASN A 11 4.14 9.06 6.93
N LEU A 12 5.42 8.85 6.69
CA LEU A 12 6.40 9.93 6.82
C LEU A 12 6.21 10.92 5.68
N THR A 13 5.99 12.20 6.02
CA THR A 13 5.72 13.22 5.02
C THR A 13 6.50 14.49 5.40
N SER A 14 6.40 15.51 4.54
CA SER A 14 7.19 16.72 4.71
C SER A 14 6.34 17.95 4.46
N SER A 15 6.85 19.09 4.90
CA SER A 15 6.27 20.40 4.62
C SER A 15 7.30 21.46 4.99
N ASP A 16 7.06 22.68 4.53
CA ASP A 16 7.90 23.82 4.85
CA ASP A 16 7.91 23.82 4.86
C ASP A 16 9.36 23.56 4.46
N GLN A 17 9.55 23.09 3.24
CA GLN A 17 10.91 22.88 2.73
C GLN A 17 11.57 24.23 2.49
N THR A 18 12.75 24.42 3.07
CA THR A 18 13.55 25.61 2.86
C THR A 18 14.93 25.21 2.33
N GLN A 19 15.77 26.21 2.07
CA GLN A 19 17.12 25.95 1.61
C GLN A 19 18.00 25.38 2.71
N SER A 20 17.54 25.39 3.97
CA SER A 20 18.33 24.88 5.08
C SER A 20 17.56 24.00 6.04
N SER A 21 16.28 23.73 5.79
CA SER A 21 15.48 22.98 6.75
C SER A 21 14.27 22.38 6.04
N VAL A 22 13.61 21.47 6.75
CA VAL A 22 12.35 20.87 6.29
C VAL A 22 11.64 20.33 7.52
N GLN A 23 10.31 20.43 7.50
CA GLN A 23 9.47 19.95 8.60
C GLN A 23 8.97 18.54 8.27
N LEU A 24 9.36 17.58 9.10
CA LEU A 24 8.94 16.19 8.93
C LEU A 24 7.77 15.87 9.85
N LYS A 25 6.89 14.99 9.39
CA LYS A 25 5.71 14.57 10.14
C LYS A 25 5.41 13.12 9.81
N TRP A 26 4.91 12.39 10.80
CA TRP A 26 4.64 10.97 10.64
C TRP A 26 3.53 10.55 11.59
N GLU A 27 3.14 9.29 11.50
CA GLU A 27 2.16 8.67 12.38
C GLU A 27 2.81 7.55 13.18
N PRO A 28 2.23 7.17 14.31
CA PRO A 28 2.90 6.22 15.20
C PRO A 28 2.84 4.81 14.66
N PRO A 29 3.68 3.91 15.16
CA PRO A 29 3.65 2.51 14.69
C PRO A 29 2.25 1.92 14.80
N LEU A 30 1.95 1.00 13.88
CA LEU A 30 0.71 0.23 13.98
C LEU A 30 0.78 -0.77 15.13
N LYS A 31 1.99 -1.15 15.56
CA LYS A 31 2.19 -2.14 16.62
C LYS A 31 3.34 -1.66 17.49
N ASP A 32 3.09 -1.50 18.78
CA ASP A 32 4.11 -1.01 19.70
C ASP A 32 4.93 -2.13 20.34
N GLY A 33 4.68 -3.38 19.96
CA GLY A 33 5.45 -4.49 20.47
C GLY A 33 5.18 -4.85 21.92
N GLY A 34 4.12 -4.30 22.52
CA GLY A 34 3.80 -4.58 23.90
C GLY A 34 4.29 -3.57 24.90
N SER A 35 4.89 -2.46 24.46
CA SER A 35 5.40 -1.45 25.37
C SER A 35 5.26 -0.08 24.73
N PRO A 36 4.97 0.96 25.52
CA PRO A 36 4.74 2.29 24.93
C PRO A 36 5.95 2.81 24.15
N ILE A 37 5.67 3.69 23.19
CA ILE A 37 6.73 4.33 22.41
C ILE A 37 7.35 5.44 23.26
N LEU A 38 8.65 5.35 23.50
CA LEU A 38 9.33 6.40 24.25
C LEU A 38 9.60 7.63 23.40
N GLY A 39 9.81 7.45 22.10
CA GLY A 39 10.12 8.55 21.23
C GLY A 39 10.58 8.05 19.87
N TYR A 40 11.05 8.99 19.05
CA TYR A 40 11.40 8.69 17.66
C TYR A 40 12.80 9.16 17.34
N ILE A 41 13.41 8.50 16.37
CA ILE A 41 14.78 8.77 15.93
C ILE A 41 14.72 9.15 14.46
N ILE A 42 15.11 10.38 14.15
CA ILE A 42 15.09 10.90 12.78
C ILE A 42 16.48 10.76 12.18
N GLU A 43 16.56 10.20 10.98
CA GLU A 43 17.81 10.10 10.24
C GLU A 43 17.65 10.73 8.87
N ARG A 44 18.76 11.24 8.33
CA ARG A 44 18.77 11.78 6.98
C ARG A 44 20.00 11.28 6.25
N CYS A 45 19.90 11.23 4.92
CA CYS A 45 21.02 10.85 4.05
C CYS A 45 21.07 11.81 2.88
N GLU A 46 22.22 12.43 2.68
CA GLU A 46 22.41 13.39 1.60
C GLU A 46 22.89 12.66 0.34
N GLU A 47 22.47 13.16 -0.82
CA GLU A 47 22.96 12.64 -2.08
C GLU A 47 24.37 13.17 -2.34
N GLY A 48 25.25 12.28 -2.78
CA GLY A 48 26.67 12.52 -2.75
C GLY A 48 27.36 11.93 -1.54
N LYS A 49 26.61 11.27 -0.65
CA LYS A 49 27.14 10.58 0.50
C LYS A 49 26.20 9.40 0.79
N ASP A 50 26.78 8.25 1.11
CA ASP A 50 26.03 7.00 1.17
C ASP A 50 25.67 6.58 2.58
N ASN A 51 25.86 7.43 3.58
CA ASN A 51 25.67 7.06 4.97
C ASN A 51 24.53 7.87 5.60
N TRP A 52 23.70 7.17 6.38
CA TRP A 52 22.60 7.81 7.09
C TRP A 52 23.12 8.46 8.37
N ILE A 53 22.65 9.67 8.64
CA ILE A 53 23.09 10.46 9.79
C ILE A 53 21.91 10.65 10.73
N HIS A 54 22.18 10.63 12.03
CA HIS A 54 21.17 10.94 13.04
C HIS A 54 21.01 12.45 13.16
N CYS A 55 19.75 12.91 13.10
CA CYS A 55 19.47 14.34 13.17
C CYS A 55 19.22 14.82 14.59
N ASN A 56 18.51 14.04 15.40
CA ASN A 56 18.19 14.42 16.77
C ASN A 56 19.01 13.60 17.75
N MET A 57 19.48 14.26 18.81
CA MET A 57 20.26 13.58 19.83
C MET A 57 19.35 12.85 20.82
N LYS A 58 18.44 13.59 21.45
CA LYS A 58 17.46 13.00 22.35
C LYS A 58 16.22 12.57 21.58
N LEU A 59 15.52 11.58 22.13
CA LEU A 59 14.31 11.08 21.48
C LEU A 59 13.27 12.18 21.36
N VAL A 60 12.59 12.21 20.21
CA VAL A 60 11.51 13.17 19.96
C VAL A 60 10.20 12.50 20.42
N PRO A 61 9.52 13.02 21.44
CA PRO A 61 8.24 12.43 21.84
C PRO A 61 7.08 12.84 20.95
N GLU A 62 7.22 13.88 20.14
CA GLU A 62 6.15 14.34 19.27
C GLU A 62 6.08 13.50 18.00
N LEU A 63 5.07 13.78 17.18
CA LEU A 63 4.92 13.16 15.88
C LEU A 63 5.43 14.05 14.75
N THR A 64 6.27 15.04 15.09
CA THR A 64 6.83 15.95 14.09
C THR A 64 8.20 16.41 14.57
N TYR A 65 9.00 16.90 13.62
CA TYR A 65 10.35 17.31 13.92
C TYR A 65 10.89 18.14 12.75
N LYS A 66 11.55 19.24 13.06
CA LYS A 66 12.12 20.13 12.06
C LYS A 66 13.59 19.78 11.86
N VAL A 67 13.90 19.27 10.67
CA VAL A 67 15.29 19.02 10.30
C VAL A 67 15.95 20.34 9.92
N THR A 68 17.17 20.54 10.41
CA THR A 68 17.94 21.75 10.12
C THR A 68 19.34 21.37 9.71
N GLY A 69 20.08 22.37 9.23
CA GLY A 69 21.43 22.15 8.77
C GLY A 69 21.56 21.66 7.35
N LEU A 70 20.49 21.73 6.56
CA LEU A 70 20.56 21.31 5.17
C LEU A 70 21.37 22.31 4.33
N GLU A 71 22.01 21.80 3.29
CA GLU A 71 22.81 22.62 2.39
C GLU A 71 21.98 22.96 1.14
N LYS A 72 21.94 24.25 0.80
CA LYS A 72 21.12 24.69 -0.31
C LYS A 72 21.46 23.93 -1.59
N GLY A 73 20.42 23.51 -2.32
CA GLY A 73 20.58 22.80 -3.56
C GLY A 73 20.80 21.31 -3.43
N ASN A 74 21.15 20.82 -2.25
CA ASN A 74 21.39 19.40 -2.06
C ASN A 74 20.08 18.63 -1.91
N LYS A 75 20.12 17.36 -2.25
CA LYS A 75 18.98 16.45 -2.14
C LYS A 75 19.19 15.54 -0.94
N TYR A 76 18.11 15.27 -0.21
CA TYR A 76 18.18 14.52 1.03
C TYR A 76 17.11 13.44 1.09
N LEU A 77 17.46 12.33 1.73
CA LEU A 77 16.54 11.25 2.05
C LEU A 77 16.30 11.25 3.56
N TYR A 78 15.10 10.83 3.96
CA TYR A 78 14.72 10.87 5.37
C TYR A 78 14.01 9.58 5.76
N ARG A 79 14.22 9.17 7.01
CA ARG A 79 13.54 8.03 7.59
C ARG A 79 13.47 8.23 9.10
N VAL A 80 12.46 7.62 9.72
CA VAL A 80 12.21 7.80 11.15
C VAL A 80 11.91 6.43 11.75
N SER A 81 12.45 6.19 12.95
CA SER A 81 12.24 4.95 13.69
C SER A 81 11.61 5.25 15.04
N ALA A 82 10.98 4.24 15.61
CA ALA A 82 10.35 4.33 16.92
C ALA A 82 11.09 3.45 17.92
N GLU A 83 11.14 3.89 19.17
CA GLU A 83 11.84 3.17 20.22
C GLU A 83 10.93 2.99 21.43
N ASN A 84 10.96 1.79 22.00
CA ASN A 84 10.32 1.52 23.28
C ASN A 84 11.35 0.88 24.22
N LYS A 85 10.89 0.43 25.39
CA LYS A 85 11.81 -0.18 26.33
C LYS A 85 12.47 -1.44 25.77
N ALA A 86 11.88 -2.06 24.75
CA ALA A 86 12.41 -3.29 24.20
C ALA A 86 13.47 -3.07 23.12
N GLY A 87 13.38 -1.99 22.37
CA GLY A 87 14.36 -1.71 21.33
C GLY A 87 13.83 -0.69 20.34
N VAL A 88 14.53 -0.62 19.21
CA VAL A 88 14.25 0.34 18.15
C VAL A 88 13.68 -0.40 16.95
N SER A 89 12.66 0.19 16.33
CA SER A 89 12.00 -0.43 15.19
C SER A 89 12.85 -0.29 13.93
N ASP A 90 12.50 -1.06 12.91
CA ASP A 90 12.98 -0.77 11.57
C ASP A 90 12.62 0.66 11.20
N PRO A 91 13.40 1.32 10.35
CA PRO A 91 13.02 2.67 9.92
C PRO A 91 11.78 2.65 9.05
N SER A 92 11.08 3.79 9.06
CA SER A 92 9.92 3.96 8.20
C SER A 92 10.33 3.89 6.73
N GLU A 93 9.33 3.92 5.86
CA GLU A 93 9.59 4.06 4.43
C GLU A 93 10.39 5.34 4.19
N ILE A 94 11.32 5.28 3.25
CA ILE A 94 12.24 6.39 3.02
C ILE A 94 11.52 7.51 2.28
N LEU A 95 11.66 8.73 2.79
CA LEU A 95 11.16 9.93 2.13
C LEU A 95 12.29 10.61 1.37
N GLY A 96 11.98 11.04 0.14
CA GLY A 96 12.97 11.70 -0.68
C GLY A 96 13.36 10.86 -1.88
N PRO A 97 14.27 11.37 -2.71
CA PRO A 97 15.04 12.62 -2.57
C PRO A 97 14.20 13.89 -2.53
N LEU A 98 14.44 14.74 -1.54
CA LEU A 98 13.82 16.06 -1.45
C LEU A 98 14.93 17.12 -1.52
N THR A 99 14.75 18.10 -2.41
CA THR A 99 15.77 19.10 -2.65
C THR A 99 15.68 20.23 -1.62
N ALA A 100 16.84 20.63 -1.09
CA ALA A 100 16.91 21.69 -0.09
C ALA A 100 16.90 23.03 -0.81
N ASP A 101 15.68 23.49 -1.12
CA ASP A 101 15.47 24.77 -1.77
C ASP A 101 14.21 25.41 -1.25
N ASP A 102 14.16 26.73 -1.33
CA ASP A 102 12.99 27.47 -0.87
C ASP A 102 11.84 27.33 -1.86
N ALA A 103 10.64 27.20 -1.32
CA ALA A 103 9.43 27.02 -2.14
C ALA A 103 9.35 28.07 -3.24
N SER B 2 -29.66 0.53 -6.63
CA SER B 2 -29.27 1.93 -6.62
C SER B 2 -27.88 2.11 -6.01
N SER B 3 -27.83 2.27 -4.69
CA SER B 3 -26.59 2.53 -3.99
C SER B 3 -26.01 1.22 -3.45
N GLU B 4 -24.82 1.33 -2.86
CA GLU B 4 -24.14 0.18 -2.27
C GLU B 4 -23.31 0.67 -1.09
N ARG B 5 -22.82 -0.28 -0.30
CA ARG B 5 -22.03 0.06 0.86
C ARG B 5 -20.78 0.84 0.43
N PRO B 6 -20.25 1.69 1.32
CA PRO B 6 -19.02 2.40 0.99
C PRO B 6 -17.80 1.50 1.17
N SER B 7 -16.66 2.00 0.71
CA SER B 7 -15.40 1.32 0.92
C SER B 7 -14.93 1.54 2.36
N PRO B 8 -13.92 0.78 2.81
CA PRO B 8 -13.49 0.91 4.20
C PRO B 8 -12.85 2.26 4.45
N PRO B 9 -12.96 2.80 5.67
CA PRO B 9 -12.12 3.94 6.05
C PRO B 9 -10.65 3.56 5.95
N VAL B 10 -9.82 4.57 5.67
CA VAL B 10 -8.40 4.34 5.43
C VAL B 10 -7.58 5.13 6.44
N ASN B 11 -6.34 4.66 6.65
CA ASN B 11 -5.35 5.35 7.47
C ASN B 11 -5.83 5.54 8.91
N LEU B 12 -6.33 4.45 9.49
CA LEU B 12 -6.68 4.46 10.91
C LEU B 12 -5.39 4.57 11.73
N THR B 13 -5.32 5.58 12.59
CA THR B 13 -4.13 5.87 13.38
C THR B 13 -4.56 6.22 14.80
N SER B 14 -3.59 6.44 15.68
CA SER B 14 -3.88 6.64 17.09
C SER B 14 -3.08 7.82 17.64
N SER B 15 -3.49 8.27 18.82
CA SER B 15 -2.80 9.32 19.57
C SER B 15 -3.36 9.36 20.98
N ASP B 16 -2.63 10.03 21.86
CA ASP B 16 -3.08 10.24 23.24
C ASP B 16 -3.36 8.91 23.95
N GLN B 17 -2.45 7.96 23.80
CA GLN B 17 -2.56 6.69 24.50
C GLN B 17 -2.35 6.89 25.99
N THR B 18 -3.30 6.43 26.79
CA THR B 18 -3.18 6.49 28.24
C THR B 18 -3.38 5.09 28.84
N GLN B 19 -3.44 5.02 30.17
CA GLN B 19 -3.69 3.74 30.84
C GLN B 19 -5.13 3.26 30.65
N SER B 20 -6.04 4.14 30.23
CA SER B 20 -7.45 3.80 30.19
C SER B 20 -8.15 4.23 28.90
N SER B 21 -7.46 4.86 27.96
CA SER B 21 -8.10 5.39 26.78
C SER B 21 -7.08 5.57 25.67
N VAL B 22 -7.59 5.80 24.46
CA VAL B 22 -6.76 6.12 23.31
C VAL B 22 -7.62 6.88 22.32
N GLN B 23 -7.01 7.82 21.61
CA GLN B 23 -7.69 8.62 20.60
C GLN B 23 -7.43 8.00 19.23
N LEU B 24 -8.50 7.58 18.56
CA LEU B 24 -8.41 7.03 17.22
C LEU B 24 -8.77 8.09 16.19
N LYS B 25 -8.17 7.98 15.00
CA LYS B 25 -8.36 8.95 13.93
C LYS B 25 -8.18 8.22 12.60
N TRP B 26 -8.97 8.62 11.60
CA TRP B 26 -8.96 7.95 10.32
C TRP B 26 -9.42 8.93 9.24
N GLU B 27 -9.38 8.47 8.00
CA GLU B 27 -9.83 9.22 6.84
C GLU B 27 -11.06 8.55 6.22
N PRO B 28 -11.88 9.31 5.50
CA PRO B 28 -13.14 8.74 4.99
C PRO B 28 -12.89 7.78 3.85
N PRO B 29 -13.85 6.91 3.54
CA PRO B 29 -13.70 5.99 2.41
C PRO B 29 -13.38 6.73 1.12
N LEU B 30 -12.63 6.06 0.25
CA LEU B 30 -12.38 6.59 -1.09
C LEU B 30 -13.61 6.47 -1.98
N LYS B 31 -14.55 5.60 -1.63
CA LYS B 31 -15.77 5.39 -2.40
C LYS B 31 -16.94 5.30 -1.44
N ASP B 32 -17.94 6.18 -1.61
CA ASP B 32 -19.09 6.19 -0.72
C ASP B 32 -20.22 5.31 -1.23
N GLY B 33 -20.03 4.59 -2.33
CA GLY B 33 -21.05 3.70 -2.84
C GLY B 33 -22.26 4.38 -3.42
N GLY B 34 -22.21 5.68 -3.65
CA GLY B 34 -23.32 6.41 -4.22
C GLY B 34 -24.24 7.07 -3.22
N SER B 35 -23.89 7.06 -1.93
CA SER B 35 -24.71 7.68 -0.90
C SER B 35 -23.81 8.24 0.18
N PRO B 36 -24.16 9.38 0.79
CA PRO B 36 -23.30 9.97 1.80
C PRO B 36 -23.04 9.05 2.98
N ILE B 37 -21.90 9.26 3.63
CA ILE B 37 -21.55 8.51 4.83
C ILE B 37 -22.35 9.06 6.00
N LEU B 38 -23.08 8.17 6.68
CA LEU B 38 -23.86 8.59 7.84
C LEU B 38 -23.01 8.66 9.10
N GLY B 39 -21.99 7.81 9.21
CA GLY B 39 -21.15 7.80 10.39
C GLY B 39 -20.22 6.61 10.36
N TYR B 40 -19.58 6.36 11.51
CA TYR B 40 -18.57 5.32 11.62
C TYR B 40 -18.83 4.44 12.83
N ILE B 41 -18.37 3.20 12.73
CA ILE B 41 -18.52 2.18 13.76
C ILE B 41 -17.13 1.76 14.20
N ILE B 42 -16.79 2.03 15.45
CA ILE B 42 -15.47 1.72 16.00
C ILE B 42 -15.57 0.41 16.77
N GLU B 43 -14.62 -0.49 16.51
CA GLU B 43 -14.53 -1.77 17.19
C GLU B 43 -13.14 -1.97 17.78
N ARG B 44 -13.06 -2.72 18.87
CA ARG B 44 -11.78 -3.07 19.47
C ARG B 44 -11.79 -4.54 19.86
N CYS B 45 -10.59 -5.13 19.90
CA CYS B 45 -10.40 -6.51 20.29
C CYS B 45 -9.23 -6.59 21.26
N GLU B 46 -9.47 -7.16 22.43
CA GLU B 46 -8.45 -7.27 23.46
C GLU B 46 -7.66 -8.56 23.29
N GLU B 47 -6.37 -8.51 23.67
CA GLU B 47 -5.56 -9.72 23.70
C GLU B 47 -5.97 -10.57 24.89
N GLY B 48 -6.10 -11.88 24.65
CA GLY B 48 -6.75 -12.77 25.59
C GLY B 48 -8.22 -12.98 25.30
N LYS B 49 -8.74 -12.42 24.21
CA LYS B 49 -10.12 -12.59 23.79
C LYS B 49 -10.14 -12.52 22.27
N ASP B 50 -10.92 -13.39 21.65
CA ASP B 50 -10.95 -13.52 20.20
C ASP B 50 -12.15 -12.83 19.56
N ASN B 51 -12.88 -12.01 20.31
CA ASN B 51 -14.12 -11.40 19.84
C ASN B 51 -13.97 -9.88 19.72
N TRP B 52 -14.47 -9.35 18.61
CA TRP B 52 -14.46 -7.91 18.39
C TRP B 52 -15.66 -7.27 19.11
N ILE B 53 -15.41 -6.13 19.75
CA ILE B 53 -16.41 -5.45 20.57
C ILE B 53 -16.72 -4.09 19.94
N HIS B 54 -17.99 -3.71 19.98
CA HIS B 54 -18.40 -2.37 19.56
C HIS B 54 -18.09 -1.38 20.68
N CYS B 55 -17.37 -0.31 20.34
CA CYS B 55 -16.99 0.70 21.31
C CYS B 55 -18.04 1.79 21.46
N ASN B 56 -18.60 2.26 20.35
CA ASN B 56 -19.60 3.30 20.34
C ASN B 56 -20.98 2.71 20.06
N MET B 57 -21.99 3.23 20.76
CA MET B 57 -23.36 2.76 20.53
C MET B 57 -23.97 3.43 19.31
N LYS B 58 -24.00 4.76 19.30
CA LYS B 58 -24.48 5.52 18.16
C LYS B 58 -23.34 5.81 17.19
N LEU B 59 -23.71 6.03 15.93
CA LEU B 59 -22.71 6.29 14.90
C LEU B 59 -21.92 7.56 15.23
N VAL B 60 -20.62 7.53 14.94
CA VAL B 60 -19.76 8.69 15.13
C VAL B 60 -19.67 9.42 13.79
N PRO B 61 -20.17 10.66 13.69
CA PRO B 61 -20.10 11.36 12.40
C PRO B 61 -18.75 11.97 12.10
N GLU B 62 -17.88 12.12 13.09
CA GLU B 62 -16.58 12.75 12.89
C GLU B 62 -15.56 11.72 12.41
N LEU B 63 -14.35 12.21 12.12
CA LEU B 63 -13.24 11.37 11.70
C LEU B 63 -12.32 11.02 12.87
N THR B 64 -12.81 11.15 14.11
CA THR B 64 -12.04 10.82 15.29
C THR B 64 -12.97 10.36 16.40
N TYR B 65 -12.41 9.60 17.34
CA TYR B 65 -13.19 9.06 18.45
C TYR B 65 -12.27 8.53 19.53
N LYS B 66 -12.55 8.86 20.79
CA LYS B 66 -11.71 8.45 21.92
C LYS B 66 -12.29 7.18 22.52
N VAL B 67 -11.55 6.08 22.41
CA VAL B 67 -11.94 4.82 23.03
C VAL B 67 -11.63 4.89 24.52
N THR B 68 -12.57 4.47 25.35
CA THR B 68 -12.43 4.49 26.79
C THR B 68 -12.72 3.10 27.35
N GLY B 69 -12.45 2.94 28.64
CA GLY B 69 -12.67 1.66 29.29
C GLY B 69 -11.56 0.66 29.07
N LEU B 70 -10.37 1.11 28.67
CA LEU B 70 -9.25 0.20 28.49
C LEU B 70 -8.69 -0.23 29.83
N GLU B 71 -8.15 -1.44 29.88
CA GLU B 71 -7.55 -2.00 31.09
C GLU B 71 -6.05 -1.81 31.04
N LYS B 72 -5.48 -1.32 32.13
CA LYS B 72 -4.05 -1.03 32.19
C LYS B 72 -3.22 -2.26 31.87
N GLY B 73 -2.19 -2.07 31.03
CA GLY B 73 -1.27 -3.13 30.69
C GLY B 73 -1.70 -4.04 29.57
N ASN B 74 -2.96 -4.01 29.18
CA ASN B 74 -3.46 -4.88 28.13
C ASN B 74 -3.15 -4.33 26.75
N LYS B 75 -3.13 -5.23 25.76
CA LYS B 75 -2.91 -4.88 24.37
C LYS B 75 -4.23 -4.96 23.62
N TYR B 76 -4.45 -4.02 22.71
CA TYR B 76 -5.74 -3.89 22.02
C TYR B 76 -5.54 -3.74 20.52
N LEU B 77 -6.47 -4.32 19.76
CA LEU B 77 -6.60 -4.10 18.32
C LEU B 77 -7.79 -3.19 18.06
N TYR B 78 -7.75 -2.47 16.95
CA TYR B 78 -8.82 -1.54 16.61
C TYR B 78 -9.09 -1.59 15.10
N ARG B 79 -10.35 -1.34 14.76
CA ARG B 79 -10.78 -1.23 13.37
C ARG B 79 -12.05 -0.39 13.34
N VAL B 80 -12.26 0.29 12.22
CA VAL B 80 -13.40 1.19 12.06
C VAL B 80 -14.05 0.94 10.71
N SER B 81 -15.38 0.97 10.69
CA SER B 81 -16.18 0.80 9.49
C SER B 81 -17.02 2.05 9.24
N ALA B 82 -17.43 2.22 7.99
CA ALA B 82 -18.28 3.32 7.57
C ALA B 82 -19.66 2.79 7.15
N GLU B 83 -20.69 3.58 7.41
CA GLU B 83 -22.05 3.18 7.10
C GLU B 83 -22.77 4.29 6.34
N ASN B 84 -23.50 3.91 5.30
CA ASN B 84 -24.42 4.79 4.59
C ASN B 84 -25.80 4.12 4.59
N LYS B 85 -26.73 4.72 3.84
CA LYS B 85 -28.08 4.17 3.76
C LYS B 85 -28.10 2.75 3.19
N ALA B 86 -27.10 2.39 2.40
CA ALA B 86 -27.09 1.10 1.73
C ALA B 86 -26.52 -0.02 2.59
N GLY B 87 -25.59 0.28 3.49
CA GLY B 87 -25.04 -0.74 4.36
C GLY B 87 -23.74 -0.29 4.98
N VAL B 88 -23.04 -1.25 5.57
CA VAL B 88 -21.81 -1.01 6.32
C VAL B 88 -20.63 -1.57 5.54
N SER B 89 -19.56 -0.78 5.46
CA SER B 89 -18.38 -1.19 4.73
C SER B 89 -17.63 -2.27 5.51
N ASP B 90 -16.70 -2.93 4.82
CA ASP B 90 -15.73 -3.76 5.53
C ASP B 90 -14.94 -2.85 6.47
N PRO B 91 -14.46 -3.39 7.59
CA PRO B 91 -13.66 -2.57 8.49
C PRO B 91 -12.35 -2.17 7.84
N SER B 92 -11.79 -1.05 8.31
CA SER B 92 -10.49 -0.61 7.84
C SER B 92 -9.43 -1.66 8.20
N GLU B 93 -8.21 -1.42 7.71
CA GLU B 93 -7.08 -2.20 8.16
C GLU B 93 -6.97 -2.11 9.68
N ILE B 94 -6.51 -3.21 10.28
CA ILE B 94 -6.50 -3.32 11.75
C ILE B 94 -5.33 -2.52 12.31
N LEU B 95 -5.62 -1.72 13.34
CA LEU B 95 -4.60 -1.01 14.09
C LEU B 95 -4.31 -1.75 15.38
N GLY B 96 -3.04 -1.88 15.72
CA GLY B 96 -2.63 -2.57 16.92
C GLY B 96 -1.93 -3.88 16.62
N PRO B 97 -1.50 -4.60 17.66
CA PRO B 97 -1.71 -4.36 19.10
C PRO B 97 -1.11 -3.07 19.64
N LEU B 98 -1.89 -2.29 20.38
CA LEU B 98 -1.42 -1.09 21.07
C LEU B 98 -1.63 -1.27 22.57
N THR B 99 -0.57 -1.07 23.34
CA THR B 99 -0.61 -1.29 24.78
C THR B 99 -1.08 -0.04 25.51
N ALA B 100 -1.97 -0.23 26.49
CA ALA B 100 -2.50 0.88 27.28
C ALA B 100 -1.56 1.13 28.46
N ASP B 101 -0.50 1.90 28.19
CA ASP B 101 0.48 2.23 29.20
C ASP B 101 1.07 3.60 28.92
N ASP B 102 1.52 4.25 29.98
CA ASP B 102 2.17 5.55 29.87
C ASP B 102 3.63 5.38 29.48
N ALA B 103 4.13 6.30 28.67
CA ALA B 103 5.52 6.26 28.21
C ALA B 103 6.49 5.96 29.35
N SER C 3 15.95 17.81 -12.15
CA SER C 3 16.31 17.39 -13.51
C SER C 3 15.21 16.55 -14.14
N GLU C 4 14.20 16.18 -13.36
CA GLU C 4 13.11 15.36 -13.86
C GLU C 4 11.84 15.69 -13.08
N ARG C 5 10.71 15.19 -13.61
CA ARG C 5 9.42 15.43 -13.00
C ARG C 5 9.37 14.81 -11.60
N PRO C 6 8.50 15.32 -10.74
CA PRO C 6 8.36 14.73 -9.40
C PRO C 6 7.46 13.50 -9.43
N SER C 7 7.44 12.80 -8.31
CA SER C 7 6.54 11.67 -8.13
C SER C 7 5.13 12.18 -7.84
N PRO C 8 4.12 11.31 -7.88
CA PRO C 8 2.75 11.78 -7.69
C PRO C 8 2.53 12.24 -6.25
N PRO C 9 1.60 13.18 -6.04
CA PRO C 9 1.13 13.43 -4.67
C PRO C 9 0.50 12.16 -4.11
N VAL C 10 0.51 12.05 -2.78
CA VAL C 10 0.06 10.84 -2.11
C VAL C 10 -1.02 11.19 -1.08
N ASN C 11 -1.83 10.18 -0.78
CA ASN C 11 -2.87 10.28 0.26
C ASN C 11 -3.86 11.40 -0.03
N LEU C 12 -4.40 11.39 -1.25
CA LEU C 12 -5.49 12.29 -1.59
C LEU C 12 -6.74 11.88 -0.82
N THR C 13 -7.30 12.80 -0.04
CA THR C 13 -8.45 12.54 0.80
C THR C 13 -9.43 13.70 0.69
N SER C 14 -10.59 13.55 1.34
CA SER C 14 -11.67 14.52 1.20
C SER C 14 -12.28 14.83 2.56
N SER C 15 -13.03 15.93 2.60
CA SER C 15 -13.80 16.32 3.78
C SER C 15 -14.75 17.43 3.37
N ASP C 16 -15.75 17.66 4.23
CA ASP C 16 -16.71 18.74 4.03
C ASP C 16 -17.43 18.61 2.69
N GLN C 17 -17.91 17.40 2.41
CA GLN C 17 -18.66 17.16 1.18
C GLN C 17 -20.03 17.85 1.28
N THR C 18 -20.37 18.62 0.24
CA THR C 18 -21.67 19.26 0.14
C THR C 18 -22.31 18.89 -1.20
N GLN C 19 -23.48 19.46 -1.45
CA GLN C 19 -24.18 19.22 -2.71
C GLN C 19 -23.49 19.88 -3.89
N SER C 20 -22.58 20.82 -3.65
CA SER C 20 -21.96 21.58 -4.72
C SER C 20 -20.45 21.74 -4.58
N SER C 21 -19.83 21.16 -3.54
CA SER C 21 -18.42 21.35 -3.32
C SER C 21 -17.87 20.23 -2.44
N VAL C 22 -16.54 20.14 -2.40
CA VAL C 22 -15.85 19.20 -1.52
C VAL C 22 -14.44 19.73 -1.31
N GLN C 23 -13.90 19.50 -0.11
CA GLN C 23 -12.56 19.94 0.24
C GLN C 23 -11.60 18.78 0.04
N LEU C 24 -10.62 18.96 -0.86
CA LEU C 24 -9.61 17.96 -1.12
C LEU C 24 -8.33 18.29 -0.37
N LYS C 25 -7.61 17.25 0.04
CA LYS C 25 -6.36 17.40 0.79
C LYS C 25 -5.44 16.24 0.43
N TRP C 26 -4.13 16.53 0.42
CA TRP C 26 -3.15 15.53 0.04
C TRP C 26 -1.81 15.87 0.68
N GLU C 27 -0.83 15.02 0.45
CA GLU C 27 0.54 15.19 0.92
C GLU C 27 1.47 15.33 -0.28
N PRO C 28 2.63 15.96 -0.10
CA PRO C 28 3.50 16.25 -1.25
C PRO C 28 4.16 14.99 -1.79
N PRO C 29 4.71 15.07 -3.01
CA PRO C 29 5.41 13.91 -3.56
C PRO C 29 6.51 13.39 -2.63
N LEU C 30 6.71 12.08 -2.67
CA LEU C 30 7.84 11.49 -1.96
C LEU C 30 9.18 11.87 -2.59
N LYS C 31 9.17 12.22 -3.88
CA LYS C 31 10.38 12.54 -4.62
C LYS C 31 10.08 13.73 -5.52
N ASP C 32 10.81 14.83 -5.32
CA ASP C 32 10.59 16.04 -6.11
C ASP C 32 11.39 16.07 -7.40
N GLY C 33 12.12 15.00 -7.72
CA GLY C 33 12.85 14.95 -8.97
C GLY C 33 14.04 15.87 -9.04
N GLY C 34 14.46 16.45 -7.92
CA GLY C 34 15.60 17.33 -7.90
C GLY C 34 15.27 18.81 -8.03
N SER C 35 14.00 19.18 -8.03
CA SER C 35 13.59 20.57 -8.15
C SER C 35 12.35 20.80 -7.30
N PRO C 36 12.21 21.98 -6.71
CA PRO C 36 11.05 22.23 -5.84
C PRO C 36 9.73 22.10 -6.58
N ILE C 37 8.68 21.78 -5.81
CA ILE C 37 7.33 21.69 -6.35
C ILE C 37 6.80 23.11 -6.53
N LEU C 38 6.39 23.45 -7.76
CA LEU C 38 5.82 24.77 -8.01
C LEU C 38 4.36 24.84 -7.58
N GLY C 39 3.64 23.74 -7.68
CA GLY C 39 2.24 23.72 -7.32
C GLY C 39 1.59 22.43 -7.80
N TYR C 40 0.26 22.40 -7.70
CA TYR C 40 -0.50 21.18 -7.96
C TYR C 40 -1.63 21.46 -8.95
N ILE C 41 -2.01 20.41 -9.67
CA ILE C 41 -3.07 20.45 -10.67
C ILE C 41 -4.16 19.49 -10.22
N ILE C 42 -5.35 20.01 -9.97
CA ILE C 42 -6.48 19.22 -9.48
C ILE C 42 -7.40 18.92 -10.67
N GLU C 43 -7.74 17.65 -10.83
CA GLU C 43 -8.63 17.20 -11.89
C GLU C 43 -9.81 16.44 -11.30
N ARG C 44 -10.95 16.54 -11.96
CA ARG C 44 -12.14 15.78 -11.56
C ARG C 44 -12.82 15.21 -12.80
N CYS C 45 -13.53 14.11 -12.60
CA CYS C 45 -14.25 13.44 -13.67
C CYS C 45 -15.63 13.04 -13.16
N GLU C 46 -16.67 13.47 -13.86
CA GLU C 46 -18.04 13.16 -13.48
C GLU C 46 -18.46 11.83 -14.10
N GLU C 47 -19.26 11.07 -13.35
CA GLU C 47 -19.79 9.81 -13.85
C GLU C 47 -20.93 10.09 -14.82
N GLY C 48 -20.98 9.32 -15.90
CA GLY C 48 -21.74 9.69 -17.08
C GLY C 48 -20.92 10.44 -18.11
N LYS C 49 -19.63 10.64 -17.84
CA LYS C 49 -18.70 11.26 -18.76
C LYS C 49 -17.32 10.66 -18.51
N ASP C 50 -16.59 10.39 -19.59
CA ASP C 50 -15.30 9.72 -19.51
C ASP C 50 -14.12 10.69 -19.55
N ASN C 51 -14.37 11.98 -19.36
CA ASN C 51 -13.36 13.02 -19.55
C ASN C 51 -12.96 13.63 -18.21
N TRP C 52 -11.65 13.76 -18.01
CA TRP C 52 -11.11 14.45 -16.85
C TRP C 52 -11.01 15.94 -17.14
N ILE C 53 -11.42 16.76 -16.18
CA ILE C 53 -11.46 18.21 -16.33
C ILE C 53 -10.52 18.83 -15.32
N HIS C 54 -9.82 19.89 -15.72
CA HIS C 54 -8.98 20.66 -14.83
C HIS C 54 -9.86 21.55 -13.96
N CYS C 55 -9.64 21.53 -12.66
CA CYS C 55 -10.43 22.33 -11.73
C CYS C 55 -9.83 23.70 -11.49
N ASN C 56 -8.51 23.80 -11.36
CA ASN C 56 -7.82 25.06 -11.10
C ASN C 56 -7.07 25.50 -12.34
N MET C 57 -7.11 26.82 -12.60
CA MET C 57 -6.39 27.38 -13.73
C MET C 57 -4.91 27.55 -13.42
N LYS C 58 -4.60 28.31 -12.37
CA LYS C 58 -3.23 28.49 -11.92
C LYS C 58 -2.86 27.39 -10.92
N LEU C 59 -1.57 27.09 -10.84
CA LEU C 59 -1.10 26.06 -9.93
C LEU C 59 -1.46 26.41 -8.49
N VAL C 60 -1.86 25.39 -7.73
CA VAL C 60 -2.20 25.56 -6.32
C VAL C 60 -0.93 25.26 -5.51
N PRO C 61 -0.37 26.24 -4.79
CA PRO C 61 0.81 25.94 -3.96
C PRO C 61 0.48 25.26 -2.65
N GLU C 62 -0.77 25.30 -2.21
CA GLU C 62 -1.14 24.71 -0.93
C GLU C 62 -1.30 23.20 -1.07
N LEU C 63 -1.52 22.54 0.07
CA LEU C 63 -1.78 21.11 0.12
C LEU C 63 -3.26 20.80 0.23
N THR C 64 -4.12 21.77 -0.09
CA THR C 64 -5.57 21.59 -0.02
C THR C 64 -6.21 22.45 -1.08
N TYR C 65 -7.44 22.09 -1.46
CA TYR C 65 -8.16 22.81 -2.50
C TYR C 65 -9.63 22.49 -2.40
N LYS C 66 -10.46 23.53 -2.58
CA LYS C 66 -11.91 23.41 -2.51
C LYS C 66 -12.45 23.25 -3.93
N VAL C 67 -12.95 22.06 -4.25
CA VAL C 67 -13.59 21.82 -5.54
C VAL C 67 -15.01 22.38 -5.47
N THR C 68 -15.39 23.13 -6.50
CA THR C 68 -16.71 23.76 -6.56
C THR C 68 -17.36 23.47 -7.91
N GLY C 69 -18.63 23.83 -8.02
CA GLY C 69 -19.36 23.61 -9.25
C GLY C 69 -19.95 22.23 -9.41
N LEU C 70 -20.03 21.45 -8.34
CA LEU C 70 -20.59 20.11 -8.41
C LEU C 70 -22.11 20.17 -8.53
N GLU C 71 -22.68 19.18 -9.21
CA GLU C 71 -24.11 19.06 -9.39
C GLU C 71 -24.67 18.07 -8.37
N LYS C 72 -25.77 18.47 -7.72
CA LYS C 72 -26.35 17.67 -6.65
C LYS C 72 -26.65 16.24 -7.13
N GLY C 73 -26.26 15.26 -6.32
CA GLY C 73 -26.56 13.88 -6.58
C GLY C 73 -25.58 13.15 -7.48
N ASN C 74 -24.74 13.88 -8.20
CA ASN C 74 -23.79 13.27 -9.12
C ASN C 74 -22.60 12.70 -8.36
N LYS C 75 -21.93 11.74 -8.99
CA LYS C 75 -20.74 11.10 -8.44
C LYS C 75 -19.51 11.56 -9.20
N TYR C 76 -18.42 11.80 -8.47
CA TYR C 76 -17.22 12.41 -9.05
C TYR C 76 -15.97 11.64 -8.64
N LEU C 77 -15.02 11.56 -9.56
CA LEU C 77 -13.68 11.06 -9.29
C LEU C 77 -12.72 12.24 -9.23
N TYR C 78 -11.64 12.09 -8.48
CA TYR C 78 -10.66 13.16 -8.29
C TYR C 78 -9.24 12.60 -8.35
N ARG C 79 -8.32 13.44 -8.83
CA ARG C 79 -6.90 13.12 -8.84
C ARG C 79 -6.12 14.41 -8.89
N VAL C 80 -4.90 14.38 -8.35
CA VAL C 80 -4.06 15.57 -8.23
C VAL C 80 -2.65 15.24 -8.68
N SER C 81 -2.05 16.16 -9.44
CA SER C 81 -0.69 16.03 -9.93
C SER C 81 0.18 17.14 -9.37
N ALA C 82 1.49 16.92 -9.38
CA ALA C 82 2.48 17.89 -8.93
C ALA C 82 3.36 18.31 -10.11
N GLU C 83 3.74 19.58 -10.12
CA GLU C 83 4.54 20.13 -11.20
C GLU C 83 5.75 20.87 -10.65
N ASN C 84 6.90 20.66 -11.29
CA ASN C 84 8.10 21.44 -11.02
C ASN C 84 8.62 22.02 -12.35
N LYS C 85 9.79 22.65 -12.32
CA LYS C 85 10.35 23.21 -13.54
C LYS C 85 10.59 22.14 -14.60
N ALA C 86 10.76 20.87 -14.19
CA ALA C 86 11.09 19.81 -15.13
C ALA C 86 9.86 19.23 -15.82
N GLY C 87 8.71 19.22 -15.17
CA GLY C 87 7.51 18.68 -15.78
C GLY C 87 6.45 18.38 -14.74
N VAL C 88 5.44 17.63 -15.18
CA VAL C 88 4.28 17.29 -14.38
C VAL C 88 4.33 15.81 -14.03
N SER C 89 4.00 15.49 -12.78
CA SER C 89 4.01 14.12 -12.31
C SER C 89 2.79 13.36 -12.83
N ASP C 90 2.86 12.04 -12.74
CA ASP C 90 1.66 11.24 -12.93
C ASP C 90 0.65 11.65 -11.87
N PRO C 91 -0.64 11.55 -12.17
CA PRO C 91 -1.64 11.91 -11.16
C PRO C 91 -1.58 10.97 -9.97
N SER C 92 -2.05 11.46 -8.83
CA SER C 92 -2.14 10.63 -7.65
C SER C 92 -3.16 9.52 -7.88
N GLU C 93 -3.22 8.59 -6.93
CA GLU C 93 -4.27 7.57 -6.96
C GLU C 93 -5.63 8.25 -7.00
N ILE C 94 -6.55 7.66 -7.75
CA ILE C 94 -7.84 8.30 -7.99
C ILE C 94 -8.68 8.24 -6.72
N LEU C 95 -9.28 9.36 -6.35
CA LEU C 95 -10.23 9.45 -5.26
C LEU C 95 -11.64 9.45 -5.82
N GLY C 96 -12.54 8.69 -5.18
CA GLY C 96 -13.90 8.59 -5.61
C GLY C 96 -14.22 7.22 -6.16
N PRO C 97 -15.47 7.00 -6.62
CA PRO C 97 -16.57 7.97 -6.72
C PRO C 97 -17.05 8.54 -5.39
N LEU C 98 -17.19 9.85 -5.31
CA LEU C 98 -17.75 10.54 -4.15
C LEU C 98 -18.99 11.29 -4.60
N THR C 99 -20.11 11.07 -3.90
CA THR C 99 -21.39 11.63 -4.29
C THR C 99 -21.54 13.06 -3.76
N ALA C 100 -22.03 13.94 -4.61
CA ALA C 100 -22.23 15.36 -4.27
C ALA C 100 -23.57 15.49 -3.55
N ASP C 101 -23.54 15.31 -2.24
CA ASP C 101 -24.74 15.42 -1.42
C ASP C 101 -24.37 15.99 -0.06
N ASP C 102 -25.34 16.63 0.58
CA ASP C 102 -25.12 17.23 1.89
C ASP C 102 -25.14 16.14 2.96
N ALA C 103 -24.18 16.19 3.88
CA ALA C 103 -24.08 15.20 4.94
C ALA C 103 -25.07 15.49 6.06
N SER D 3 -19.61 -16.72 7.40
CA SER D 3 -20.41 -15.83 8.22
C SER D 3 -20.64 -14.50 7.51
N GLU D 4 -19.64 -14.04 6.77
CA GLU D 4 -19.72 -12.76 6.07
C GLU D 4 -18.95 -12.85 4.76
N ARG D 5 -19.13 -11.82 3.94
CA ARG D 5 -18.48 -11.78 2.64
C ARG D 5 -16.95 -11.78 2.81
N PRO D 6 -16.22 -12.26 1.82
CA PRO D 6 -14.75 -12.23 1.91
C PRO D 6 -14.21 -10.84 1.58
N SER D 7 -12.91 -10.67 1.80
CA SER D 7 -12.21 -9.45 1.42
C SER D 7 -11.95 -9.46 -0.08
N PRO D 8 -11.55 -8.32 -0.65
CA PRO D 8 -11.36 -8.26 -2.09
C PRO D 8 -10.18 -9.10 -2.54
N PRO D 9 -10.23 -9.68 -3.74
CA PRO D 9 -9.02 -10.23 -4.34
C PRO D 9 -7.95 -9.15 -4.48
N VAL D 10 -6.69 -9.57 -4.49
CA VAL D 10 -5.57 -8.64 -4.47
C VAL D 10 -4.65 -8.90 -5.65
N ASN D 11 -3.89 -7.87 -6.00
CA ASN D 11 -2.85 -7.96 -7.03
C ASN D 11 -3.41 -8.42 -8.38
N LEU D 12 -4.47 -7.75 -8.82
CA LEU D 12 -4.97 -7.96 -10.17
C LEU D 12 -3.95 -7.48 -11.19
N THR D 13 -3.56 -8.37 -12.10
CA THR D 13 -2.53 -8.08 -13.10
C THR D 13 -2.98 -8.61 -14.44
N SER D 14 -2.19 -8.35 -15.48
CA SER D 14 -2.58 -8.67 -16.85
C SER D 14 -1.43 -9.32 -17.59
N SER D 15 -1.77 -9.97 -18.70
CA SER D 15 -0.79 -10.54 -19.62
C SER D 15 -1.53 -10.91 -20.91
N ASP D 16 -0.75 -11.14 -21.97
CA ASP D 16 -1.29 -11.61 -23.24
C ASP D 16 -2.34 -10.64 -23.80
N GLN D 17 -2.02 -9.35 -23.76
CA GLN D 17 -2.93 -8.34 -24.29
C GLN D 17 -2.97 -8.42 -25.81
N THR D 18 -4.17 -8.53 -26.37
CA THR D 18 -4.38 -8.52 -27.80
C THR D 18 -5.39 -7.43 -28.14
N GLN D 19 -5.73 -7.33 -29.43
CA GLN D 19 -6.70 -6.34 -29.87
C GLN D 19 -8.11 -6.70 -29.44
N SER D 20 -8.36 -7.94 -29.04
CA SER D 20 -9.71 -8.39 -28.71
C SER D 20 -9.80 -9.14 -27.40
N SER D 21 -8.70 -9.31 -26.67
CA SER D 21 -8.73 -10.08 -25.44
C SER D 21 -7.52 -9.72 -24.58
N VAL D 22 -7.59 -10.15 -23.32
CA VAL D 22 -6.49 -9.98 -22.38
C VAL D 22 -6.65 -11.03 -21.29
N GLN D 23 -5.53 -11.51 -20.76
CA GLN D 23 -5.53 -12.50 -19.70
C GLN D 23 -5.34 -11.80 -18.36
N LEU D 24 -6.33 -11.93 -17.49
CA LEU D 24 -6.27 -11.36 -16.15
C LEU D 24 -5.86 -12.43 -15.14
N LYS D 25 -5.13 -11.99 -14.11
CA LYS D 25 -4.68 -12.89 -13.05
C LYS D 25 -4.66 -12.11 -11.75
N TRP D 26 -4.93 -12.82 -10.65
CA TRP D 26 -5.03 -12.19 -9.33
C TRP D 26 -4.72 -13.24 -8.27
N GLU D 27 -4.70 -12.79 -7.02
CA GLU D 27 -4.48 -13.64 -5.86
C GLU D 27 -5.74 -13.68 -5.00
N PRO D 28 -5.93 -14.74 -4.21
CA PRO D 28 -7.18 -14.90 -3.47
C PRO D 28 -7.28 -13.90 -2.33
N PRO D 29 -8.48 -13.67 -1.82
CA PRO D 29 -8.64 -12.77 -0.67
C PRO D 29 -7.80 -13.21 0.51
N LEU D 30 -7.37 -12.24 1.31
CA LEU D 30 -6.70 -12.53 2.57
C LEU D 30 -7.68 -12.95 3.66
N LYS D 31 -8.97 -12.70 3.46
CA LYS D 31 -10.00 -13.08 4.41
C LYS D 31 -11.16 -13.68 3.63
N ASP D 32 -11.55 -14.91 3.97
CA ASP D 32 -12.68 -15.56 3.31
C ASP D 32 -14.01 -15.30 4.01
N GLY D 33 -14.00 -14.50 5.08
CA GLY D 33 -15.23 -14.18 5.79
C GLY D 33 -15.82 -15.32 6.57
N GLY D 34 -15.08 -16.41 6.75
CA GLY D 34 -15.57 -17.56 7.48
C GLY D 34 -16.24 -18.62 6.64
N SER D 35 -16.22 -18.48 5.32
CA SER D 35 -16.86 -19.45 4.44
C SER D 35 -16.05 -19.55 3.14
N PRO D 36 -15.96 -20.74 2.54
CA PRO D 36 -15.10 -20.90 1.36
C PRO D 36 -15.53 -20.00 0.20
N ILE D 37 -14.56 -19.66 -0.64
CA ILE D 37 -14.80 -18.89 -1.86
C ILE D 37 -15.43 -19.81 -2.90
N LEU D 38 -16.58 -19.41 -3.42
CA LEU D 38 -17.24 -20.18 -4.47
C LEU D 38 -16.68 -19.87 -5.84
N GLY D 39 -16.20 -18.65 -6.05
CA GLY D 39 -15.66 -18.26 -7.33
C GLY D 39 -15.46 -16.77 -7.39
N TYR D 40 -15.20 -16.27 -8.60
CA TYR D 40 -14.88 -14.86 -8.80
C TYR D 40 -15.76 -14.26 -9.89
N ILE D 41 -15.95 -12.95 -9.80
CA ILE D 41 -16.74 -12.18 -10.74
C ILE D 41 -15.82 -11.13 -11.38
N ILE D 42 -15.63 -11.23 -12.69
CA ILE D 42 -14.77 -10.30 -13.43
C ILE D 42 -15.65 -9.22 -14.05
N GLU D 43 -15.27 -7.96 -13.85
CA GLU D 43 -15.96 -6.84 -14.44
C GLU D 43 -14.97 -5.99 -15.23
N ARG D 44 -15.47 -5.33 -16.27
CA ARG D 44 -14.68 -4.42 -17.07
C ARG D 44 -15.50 -3.17 -17.38
N CYS D 45 -14.79 -2.05 -17.58
CA CYS D 45 -15.41 -0.78 -17.92
C CYS D 45 -14.60 -0.14 -19.04
N GLU D 46 -15.29 0.24 -20.11
CA GLU D 46 -14.65 0.86 -21.26
C GLU D 46 -14.64 2.37 -21.14
N GLU D 47 -13.60 2.99 -21.71
CA GLU D 47 -13.55 4.44 -21.78
C GLU D 47 -14.55 4.93 -22.81
N GLY D 48 -15.31 5.98 -22.45
CA GLY D 48 -16.47 6.38 -23.21
C GLY D 48 -17.76 5.85 -22.68
N LYS D 49 -17.72 5.08 -21.59
CA LYS D 49 -18.91 4.56 -20.94
C LYS D 49 -18.61 4.50 -19.45
N ASP D 50 -19.57 4.93 -18.64
CA ASP D 50 -19.40 5.01 -17.20
C ASP D 50 -19.93 3.77 -16.48
N ASN D 51 -20.22 2.70 -17.22
CA ASN D 51 -20.91 1.54 -16.67
C ASN D 51 -19.98 0.33 -16.64
N TRP D 52 -19.97 -0.38 -15.52
CA TRP D 52 -19.19 -1.60 -15.37
C TRP D 52 -19.98 -2.78 -15.90
N ILE D 53 -19.32 -3.63 -16.69
CA ILE D 53 -19.96 -4.77 -17.34
C ILE D 53 -19.42 -6.05 -16.71
N HIS D 54 -20.29 -7.05 -16.57
CA HIS D 54 -19.88 -8.37 -16.11
C HIS D 54 -19.23 -9.14 -17.25
N CYS D 55 -18.04 -9.69 -16.99
CA CYS D 55 -17.30 -10.41 -18.02
C CYS D 55 -17.57 -11.91 -18.02
N ASN D 56 -17.83 -12.50 -16.86
CA ASN D 56 -18.13 -13.92 -16.76
C ASN D 56 -19.59 -14.11 -16.35
N MET D 57 -20.24 -15.11 -16.96
CA MET D 57 -21.62 -15.42 -16.60
C MET D 57 -21.67 -16.26 -15.34
N LYS D 58 -21.03 -17.42 -15.35
CA LYS D 58 -20.90 -18.24 -14.16
C LYS D 58 -19.65 -17.87 -13.40
N LEU D 59 -19.66 -18.15 -12.10
CA LEU D 59 -18.51 -17.83 -11.26
C LEU D 59 -17.27 -18.54 -11.78
N VAL D 60 -16.14 -17.83 -11.77
CA VAL D 60 -14.85 -18.39 -12.18
C VAL D 60 -14.17 -18.96 -10.94
N PRO D 61 -13.96 -20.28 -10.85
CA PRO D 61 -13.24 -20.83 -9.70
C PRO D 61 -11.73 -20.64 -9.76
N GLU D 62 -11.20 -20.22 -10.90
CA GLU D 62 -9.76 -20.05 -11.06
C GLU D 62 -9.30 -18.70 -10.53
N LEU D 63 -7.98 -18.53 -10.49
CA LEU D 63 -7.35 -17.24 -10.22
C LEU D 63 -6.97 -16.53 -11.51
N THR D 64 -7.55 -16.92 -12.64
CA THR D 64 -7.25 -16.34 -13.93
C THR D 64 -8.49 -16.43 -14.82
N TYR D 65 -8.55 -15.55 -15.81
CA TYR D 65 -9.71 -15.49 -16.69
C TYR D 65 -9.37 -14.70 -17.94
N LYS D 66 -9.82 -15.19 -19.09
CA LYS D 66 -9.57 -14.54 -20.37
C LYS D 66 -10.77 -13.65 -20.71
N VAL D 67 -10.57 -12.34 -20.68
CA VAL D 67 -11.59 -11.40 -21.11
C VAL D 67 -11.59 -11.32 -22.62
N THR D 68 -12.78 -11.40 -23.23
CA THR D 68 -12.93 -11.36 -24.67
C THR D 68 -13.93 -10.27 -25.05
N GLY D 69 -14.05 -10.03 -26.35
CA GLY D 69 -14.97 -9.03 -26.85
C GLY D 69 -14.44 -7.62 -26.82
N LEU D 70 -13.13 -7.43 -26.66
CA LEU D 70 -12.58 -6.08 -26.64
C LEU D 70 -12.54 -5.49 -28.04
N GLU D 71 -12.67 -4.17 -28.11
CA GLU D 71 -12.64 -3.43 -29.36
C GLU D 71 -11.26 -2.81 -29.56
N LYS D 72 -10.68 -3.02 -30.74
CA LYS D 72 -9.32 -2.57 -31.02
C LYS D 72 -9.19 -1.07 -30.77
N GLY D 73 -8.08 -0.70 -30.12
CA GLY D 73 -7.78 0.70 -29.86
C GLY D 73 -8.44 1.29 -28.64
N ASN D 74 -9.47 0.64 -28.10
CA ASN D 74 -10.17 1.14 -26.93
C ASN D 74 -9.36 0.85 -25.66
N LYS D 75 -9.64 1.62 -24.62
CA LYS D 75 -9.01 1.46 -23.31
C LYS D 75 -10.04 0.90 -22.33
N TYR D 76 -9.59 0.00 -21.47
CA TYR D 76 -10.49 -0.73 -20.57
C TYR D 76 -9.95 -0.73 -19.15
N LEU D 77 -10.87 -0.64 -18.19
CA LEU D 77 -10.58 -0.86 -16.78
C LEU D 77 -11.09 -2.24 -16.38
N TYR D 78 -10.46 -2.83 -15.37
CA TYR D 78 -10.83 -4.16 -14.91
C TYR D 78 -10.82 -4.22 -13.39
N ARG D 79 -11.72 -5.05 -12.85
CA ARG D 79 -11.77 -5.31 -11.42
C ARG D 79 -12.41 -6.68 -11.21
N VAL D 80 -12.05 -7.34 -10.11
CA VAL D 80 -12.50 -8.69 -9.82
C VAL D 80 -12.93 -8.77 -8.36
N SER D 81 -14.03 -9.47 -8.12
CA SER D 81 -14.58 -9.68 -6.79
C SER D 81 -14.62 -11.17 -6.48
N ALA D 82 -14.73 -11.49 -5.20
CA ALA D 82 -14.84 -12.86 -4.73
C ALA D 82 -16.18 -13.05 -4.04
N GLU D 83 -16.77 -14.24 -4.20
CA GLU D 83 -18.08 -14.54 -3.64
C GLU D 83 -18.04 -15.83 -2.84
N ASN D 84 -18.70 -15.81 -1.68
CA ASN D 84 -18.94 -17.02 -0.91
C ASN D 84 -20.43 -17.12 -0.58
N LYS D 85 -20.81 -18.09 0.26
CA LYS D 85 -22.22 -18.25 0.60
C LYS D 85 -22.79 -17.02 1.30
N ALA D 86 -21.93 -16.21 1.93
CA ALA D 86 -22.41 -15.07 2.70
C ALA D 86 -22.64 -13.83 1.85
N GLY D 87 -21.92 -13.68 0.74
CA GLY D 87 -22.12 -12.54 -0.12
C GLY D 87 -20.93 -12.32 -1.02
N VAL D 88 -20.92 -11.15 -1.66
CA VAL D 88 -19.90 -10.77 -2.62
C VAL D 88 -19.02 -9.70 -2.00
N SER D 89 -17.71 -9.83 -2.23
CA SER D 89 -16.73 -8.89 -1.70
C SER D 89 -16.77 -7.57 -2.48
N ASP D 90 -16.14 -6.55 -1.90
CA ASP D 90 -15.85 -5.36 -2.66
C ASP D 90 -14.90 -5.71 -3.80
N PRO D 91 -14.97 -5.01 -4.92
CA PRO D 91 -14.04 -5.31 -6.02
C PRO D 91 -12.61 -4.98 -5.64
N SER D 92 -11.68 -5.70 -6.26
CA SER D 92 -10.27 -5.41 -6.08
C SER D 92 -9.97 -3.99 -6.57
N GLU D 93 -8.74 -3.55 -6.31
CA GLU D 93 -8.27 -2.29 -6.88
C GLU D 93 -8.36 -2.36 -8.40
N ILE D 94 -8.70 -1.24 -9.01
CA ILE D 94 -9.00 -1.22 -10.45
C ILE D 94 -7.71 -1.37 -11.25
N LEU D 95 -7.75 -2.23 -12.26
CA LEU D 95 -6.66 -2.38 -13.21
C LEU D 95 -7.01 -1.63 -14.50
N GLY D 96 -6.04 -0.89 -15.03
CA GLY D 96 -6.23 -0.14 -16.24
C GLY D 96 -6.16 1.36 -15.99
N PRO D 97 -6.37 2.16 -17.04
CA PRO D 97 -6.73 1.80 -18.42
C PRO D 97 -5.68 0.97 -19.15
N LEU D 98 -6.11 -0.13 -19.76
CA LEU D 98 -5.28 -0.96 -20.62
C LEU D 98 -5.85 -0.92 -22.02
N THR D 99 -5.00 -0.66 -23.01
CA THR D 99 -5.43 -0.49 -24.38
C THR D 99 -5.51 -1.83 -25.10
N ALA D 100 -6.56 -2.01 -25.88
CA ALA D 100 -6.77 -3.24 -26.66
C ALA D 100 -5.94 -3.17 -27.93
N ASP D 101 -4.67 -3.56 -27.81
CA ASP D 101 -3.76 -3.59 -28.94
C ASP D 101 -2.90 -4.85 -28.84
N ASP D 102 -2.39 -5.28 -29.99
CA ASP D 102 -1.55 -6.47 -30.05
C ASP D 102 -0.15 -6.15 -29.56
N ALA D 103 0.39 -7.02 -28.69
CA ALA D 103 1.73 -6.84 -28.16
C ALA D 103 2.19 -8.08 -27.41
N GLU E 4 22.39 -6.29 9.92
CA GLU E 4 21.18 -6.09 10.70
C GLU E 4 20.05 -6.98 10.19
N ARG E 5 18.96 -7.04 10.96
CA ARG E 5 17.83 -7.88 10.59
C ARG E 5 17.26 -7.44 9.24
N PRO E 6 16.63 -8.35 8.50
CA PRO E 6 15.99 -7.98 7.24
C PRO E 6 14.62 -7.37 7.48
N SER E 7 14.04 -6.87 6.38
CA SER E 7 12.66 -6.38 6.41
C SER E 7 11.70 -7.56 6.31
N PRO E 8 10.40 -7.33 6.55
CA PRO E 8 9.46 -8.45 6.56
C PRO E 8 9.30 -9.04 5.17
N PRO E 9 8.96 -10.33 5.07
CA PRO E 9 8.48 -10.86 3.79
C PRO E 9 7.21 -10.17 3.36
N VAL E 10 6.97 -10.14 2.05
CA VAL E 10 5.86 -9.40 1.48
C VAL E 10 5.00 -10.30 0.61
N ASN E 11 3.73 -9.89 0.46
CA ASN E 11 2.76 -10.57 -0.39
C ASN E 11 2.59 -12.03 0.00
N LEU E 12 2.27 -12.25 1.27
CA LEU E 12 1.90 -13.57 1.75
C LEU E 12 0.54 -13.96 1.20
N THR E 13 0.47 -15.12 0.55
CA THR E 13 -0.76 -15.61 -0.07
C THR E 13 -0.91 -17.09 0.23
N SER E 14 -2.02 -17.68 -0.23
CA SER E 14 -2.37 -19.06 0.10
C SER E 14 -2.95 -19.78 -1.10
N SER E 15 -2.96 -21.10 -1.01
CA SER E 15 -3.58 -21.96 -2.02
C SER E 15 -3.73 -23.35 -1.43
N ASP E 16 -4.55 -24.17 -2.09
CA ASP E 16 -4.76 -25.56 -1.70
C ASP E 16 -5.22 -25.69 -0.25
N GLN E 17 -6.20 -24.86 0.13
CA GLN E 17 -6.77 -24.94 1.46
C GLN E 17 -7.58 -26.21 1.62
N THR E 18 -7.25 -27.00 2.65
CA THR E 18 -7.98 -28.21 2.99
C THR E 18 -8.53 -28.11 4.40
N GLN E 19 -9.19 -29.19 4.84
CA GLN E 19 -9.70 -29.25 6.21
C GLN E 19 -8.58 -29.33 7.24
N SER E 20 -7.36 -29.69 6.82
CA SER E 20 -6.27 -29.92 7.75
C SER E 20 -4.96 -29.25 7.34
N SER E 21 -4.93 -28.51 6.24
CA SER E 21 -3.69 -27.95 5.75
C SER E 21 -3.97 -26.80 4.80
N VAL E 22 -2.91 -26.04 4.49
CA VAL E 22 -2.98 -24.96 3.52
C VAL E 22 -1.57 -24.70 3.03
N GLN E 23 -1.44 -24.35 1.75
CA GLN E 23 -0.15 -24.04 1.14
C GLN E 23 0.05 -22.53 1.14
N LEU E 24 1.07 -22.06 1.86
CA LEU E 24 1.40 -20.65 1.93
C LEU E 24 2.54 -20.33 0.97
N LYS E 25 2.53 -19.10 0.47
CA LYS E 25 3.55 -18.62 -0.46
C LYS E 25 3.76 -17.13 -0.21
N TRP E 26 5.00 -16.68 -0.40
CA TRP E 26 5.35 -15.28 -0.17
C TRP E 26 6.53 -14.91 -1.06
N GLU E 27 6.94 -13.65 -0.96
CA GLU E 27 8.09 -13.12 -1.67
C GLU E 27 9.15 -12.67 -0.66
N PRO E 28 10.42 -12.65 -1.06
CA PRO E 28 11.50 -12.37 -0.10
C PRO E 28 11.48 -10.91 0.34
N PRO E 29 12.16 -10.60 1.45
CA PRO E 29 12.23 -9.20 1.88
C PRO E 29 12.82 -8.30 0.82
N LEU E 30 12.40 -7.04 0.83
CA LEU E 30 13.00 -6.02 -0.02
C LEU E 30 14.37 -5.59 0.48
N LYS E 31 14.68 -5.83 1.75
CA LYS E 31 15.96 -5.48 2.34
C LYS E 31 16.44 -6.64 3.19
N ASP E 32 17.64 -7.15 2.90
CA ASP E 32 18.19 -8.27 3.65
C ASP E 32 19.08 -7.83 4.81
N GLY E 33 19.19 -6.53 5.06
CA GLY E 33 19.96 -6.04 6.19
C GLY E 33 21.46 -6.22 6.08
N GLY E 34 21.97 -6.56 4.91
CA GLY E 34 23.38 -6.75 4.71
C GLY E 34 23.87 -8.18 4.82
N SER E 35 22.97 -9.14 4.96
CA SER E 35 23.34 -10.55 5.05
C SER E 35 22.26 -11.39 4.40
N PRO E 36 22.64 -12.49 3.75
CA PRO E 36 21.63 -13.32 3.07
C PRO E 36 20.57 -13.84 4.03
N ILE E 37 19.38 -14.10 3.49
CA ILE E 37 18.30 -14.71 4.25
C ILE E 37 18.63 -16.19 4.45
N LEU E 38 18.65 -16.63 5.71
CA LEU E 38 18.90 -18.04 6.00
C LEU E 38 17.64 -18.87 5.83
N GLY E 39 16.48 -18.28 6.08
CA GLY E 39 15.23 -19.02 5.99
C GLY E 39 14.11 -18.19 6.58
N TYR E 40 12.93 -18.83 6.69
CA TYR E 40 11.73 -18.15 7.12
C TYR E 40 11.06 -18.90 8.27
N ILE E 41 10.31 -18.15 9.07
CA ILE E 41 9.61 -18.67 10.23
C ILE E 41 8.12 -18.44 10.00
N ILE E 42 7.36 -19.53 9.90
CA ILE E 42 5.92 -19.47 9.66
C ILE E 42 5.20 -19.57 10.99
N GLU E 43 4.27 -18.67 11.24
CA GLU E 43 3.46 -18.68 12.45
C GLU E 43 1.98 -18.64 12.07
N ARG E 44 1.16 -19.25 12.93
CA ARG E 44 -0.29 -19.20 12.75
C ARG E 44 -0.94 -18.95 14.09
N CYS E 45 -2.15 -18.38 14.03
CA CYS E 45 -2.95 -18.09 15.23
C CYS E 45 -4.39 -18.51 14.95
N GLU E 46 -4.93 -19.33 15.84
CA GLU E 46 -6.29 -19.82 15.71
C GLU E 46 -7.27 -18.89 16.41
N GLU E 47 -8.48 -18.83 15.87
CA GLU E 47 -9.56 -18.09 16.52
C GLU E 47 -10.06 -18.88 17.72
N GLY E 48 -10.26 -18.18 18.84
CA GLY E 48 -10.47 -18.83 20.12
C GLY E 48 -9.21 -19.03 20.92
N LYS E 49 -8.08 -18.52 20.44
CA LYS E 49 -6.81 -18.59 21.15
C LYS E 49 -6.00 -17.36 20.76
N ASP E 50 -5.31 -16.78 21.75
CA ASP E 50 -4.64 -15.50 21.57
C ASP E 50 -3.13 -15.62 21.40
N ASN E 51 -2.60 -16.83 21.20
CA ASN E 51 -1.17 -17.04 21.11
C ASN E 51 -0.78 -17.48 19.71
N TRP E 52 0.36 -16.96 19.24
CA TRP E 52 0.90 -17.35 17.96
C TRP E 52 1.74 -18.62 18.11
N ILE E 53 1.58 -19.55 17.17
CA ILE E 53 2.26 -20.83 17.20
C ILE E 53 3.23 -20.90 16.04
N HIS E 54 4.41 -21.48 16.30
CA HIS E 54 5.37 -21.75 15.24
C HIS E 54 4.94 -23.00 14.47
N CYS E 55 4.87 -22.89 13.15
CA CYS E 55 4.45 -24.01 12.32
C CYS E 55 5.63 -24.90 11.92
N ASN E 56 6.77 -24.30 11.64
CA ASN E 56 7.97 -25.04 11.24
C ASN E 56 8.97 -25.06 12.38
N MET E 57 9.64 -26.21 12.54
CA MET E 57 10.68 -26.32 13.56
C MET E 57 11.99 -25.69 13.08
N LYS E 58 12.53 -26.19 11.97
CA LYS E 58 13.71 -25.62 11.37
C LYS E 58 13.32 -24.53 10.35
N LEU E 59 14.25 -23.63 10.08
CA LEU E 59 14.00 -22.56 9.13
C LEU E 59 13.67 -23.13 7.75
N VAL E 60 12.70 -22.53 7.08
CA VAL E 60 12.30 -22.92 5.74
C VAL E 60 13.09 -22.06 4.76
N PRO E 61 13.98 -22.64 3.95
CA PRO E 61 14.72 -21.83 2.96
C PRO E 61 13.93 -21.48 1.72
N GLU E 62 12.80 -22.14 1.49
CA GLU E 62 12.00 -21.88 0.29
C GLU E 62 11.08 -20.67 0.51
N LEU E 63 10.41 -20.27 -0.57
CA LEU E 63 9.41 -19.21 -0.53
C LEU E 63 8.00 -19.77 -0.41
N THR E 64 7.86 -21.02 0.01
CA THR E 64 6.56 -21.66 0.18
C THR E 64 6.67 -22.69 1.29
N TYR E 65 5.53 -23.05 1.86
CA TYR E 65 5.50 -23.97 2.98
C TYR E 65 4.07 -24.46 3.20
N LYS E 66 3.92 -25.76 3.45
CA LYS E 66 2.63 -26.37 3.70
C LYS E 66 2.39 -26.44 5.19
N VAL E 67 1.41 -25.67 5.68
CA VAL E 67 1.00 -25.73 7.08
C VAL E 67 0.10 -26.93 7.28
N THR E 68 0.35 -27.71 8.33
CA THR E 68 -0.43 -28.89 8.64
C THR E 68 -0.90 -28.83 10.09
N GLY E 69 -1.74 -29.79 10.45
CA GLY E 69 -2.27 -29.84 11.80
C GLY E 69 -3.45 -28.92 12.06
N LEU E 70 -4.12 -28.45 11.01
CA LEU E 70 -5.29 -27.60 11.16
C LEU E 70 -6.50 -28.44 11.57
N GLU E 71 -7.40 -27.81 12.33
CA GLU E 71 -8.64 -28.44 12.75
C GLU E 71 -9.77 -27.99 11.83
N LYS E 72 -10.55 -28.96 11.34
CA LYS E 72 -11.59 -28.67 10.36
C LYS E 72 -12.57 -27.63 10.90
N GLY E 73 -12.89 -26.66 10.04
CA GLY E 73 -13.90 -25.66 10.36
C GLY E 73 -13.38 -24.47 11.13
N ASN E 74 -12.18 -24.54 11.67
CA ASN E 74 -11.61 -23.44 12.43
C ASN E 74 -11.04 -22.38 11.48
N LYS E 75 -10.94 -21.16 12.01
CA LYS E 75 -10.38 -20.02 11.28
C LYS E 75 -8.99 -19.72 11.81
N TYR E 76 -8.06 -19.44 10.90
CA TYR E 76 -6.65 -19.28 11.25
C TYR E 76 -6.09 -18.00 10.63
N LEU E 77 -5.17 -17.38 11.37
CA LEU E 77 -4.36 -16.28 10.89
C LEU E 77 -2.94 -16.79 10.64
N TYR E 78 -2.24 -16.16 9.70
CA TYR E 78 -0.89 -16.59 9.35
C TYR E 78 0.01 -15.38 9.15
N ARG E 79 1.29 -15.55 9.50
CA ARG E 79 2.30 -14.53 9.27
C ARG E 79 3.65 -15.23 9.15
N VAL E 80 4.57 -14.61 8.41
CA VAL E 80 5.87 -15.18 8.13
C VAL E 80 6.95 -14.13 8.35
N SER E 81 8.06 -14.55 8.95
CA SER E 81 9.22 -13.69 9.20
C SER E 81 10.44 -14.25 8.47
N ALA E 82 11.41 -13.38 8.26
CA ALA E 82 12.68 -13.73 7.64
C ALA E 82 13.80 -13.57 8.64
N GLU E 83 14.80 -14.46 8.57
CA GLU E 83 15.92 -14.46 9.50
C GLU E 83 17.23 -14.49 8.73
N ASN E 84 18.18 -13.66 9.18
CA ASN E 84 19.55 -13.72 8.71
C ASN E 84 20.49 -13.86 9.90
N LYS E 85 21.79 -13.76 9.66
CA LYS E 85 22.76 -13.91 10.75
C LYS E 85 22.57 -12.85 11.83
N ALA E 86 21.97 -11.71 11.50
CA ALA E 86 21.83 -10.61 12.45
C ALA E 86 20.61 -10.76 13.35
N GLY E 87 19.52 -11.34 12.85
CA GLY E 87 18.33 -11.49 13.66
C GLY E 87 17.12 -11.81 12.80
N VAL E 88 15.95 -11.67 13.41
CA VAL E 88 14.68 -12.01 12.79
C VAL E 88 13.91 -10.73 12.50
N SER E 89 13.32 -10.66 11.31
CA SER E 89 12.56 -9.50 10.88
C SER E 89 11.20 -9.46 11.57
N ASP E 90 10.55 -8.31 11.50
CA ASP E 90 9.15 -8.24 11.88
C ASP E 90 8.35 -9.18 10.98
N PRO E 91 7.23 -9.71 11.47
CA PRO E 91 6.44 -10.61 10.63
C PRO E 91 5.82 -9.88 9.45
N SER E 92 5.55 -10.64 8.39
CA SER E 92 4.87 -10.10 7.23
C SER E 92 3.47 -9.62 7.59
N GLU E 93 2.75 -9.07 6.62
CA GLU E 93 1.35 -8.74 6.83
C GLU E 93 0.58 -10.01 7.17
N ILE E 94 -0.41 -9.89 8.06
CA ILE E 94 -1.11 -11.06 8.54
C ILE E 94 -2.07 -11.56 7.46
N LEU E 95 -2.07 -12.87 7.23
CA LEU E 95 -2.99 -13.53 6.32
C LEU E 95 -4.10 -14.19 7.12
N GLY E 96 -5.34 -14.05 6.64
CA GLY E 96 -6.48 -14.62 7.32
C GLY E 96 -7.33 -13.56 7.98
N PRO E 97 -8.44 -13.97 8.62
CA PRO E 97 -8.85 -15.36 8.89
C PRO E 97 -9.15 -16.19 7.65
N LEU E 98 -8.59 -17.40 7.60
CA LEU E 98 -8.87 -18.38 6.56
C LEU E 98 -9.44 -19.62 7.21
N THR E 99 -10.56 -20.11 6.68
CA THR E 99 -11.27 -21.23 7.29
C THR E 99 -10.68 -22.56 6.84
N ALA E 100 -10.48 -23.47 7.80
CA ALA E 100 -9.94 -24.80 7.51
C ALA E 100 -11.06 -25.68 6.95
N ASP E 101 -11.30 -25.53 5.65
CA ASP E 101 -12.29 -26.31 4.94
C ASP E 101 -11.73 -26.69 3.58
N ASP E 102 -12.27 -27.76 3.00
CA ASP E 102 -11.93 -28.11 1.63
C ASP E 102 -12.53 -27.07 0.69
N ALA E 103 -11.67 -26.34 -0.02
CA ALA E 103 -12.10 -25.17 -0.76
C ALA E 103 -12.73 -25.54 -2.09
N PHE E 104 -13.53 -24.60 -2.61
CA PHE E 104 -14.16 -24.73 -3.93
C PHE E 104 -15.15 -25.89 -3.95
N SER F 3 -0.70 7.60 -25.98
CA SER F 3 -0.71 9.06 -25.99
C SER F 3 0.20 9.62 -24.90
N GLU F 4 0.47 8.82 -23.87
CA GLU F 4 1.30 9.28 -22.76
C GLU F 4 2.09 8.10 -22.21
N ARG F 5 3.04 8.42 -21.34
CA ARG F 5 3.88 7.40 -20.74
C ARG F 5 3.03 6.46 -19.87
N PRO F 6 3.49 5.22 -19.69
CA PRO F 6 2.76 4.30 -18.81
C PRO F 6 3.09 4.56 -17.34
N SER F 7 2.38 3.84 -16.48
CA SER F 7 2.65 3.87 -15.06
C SER F 7 3.83 2.94 -14.75
N PRO F 8 4.37 3.00 -13.53
CA PRO F 8 5.54 2.18 -13.22
C PRO F 8 5.19 0.70 -13.19
N PRO F 9 6.16 -0.17 -13.47
CA PRO F 9 5.98 -1.59 -13.14
C PRO F 9 5.78 -1.75 -11.64
N VAL F 10 5.06 -2.80 -11.26
CA VAL F 10 4.69 -3.01 -9.87
C VAL F 10 5.23 -4.35 -9.38
N ASN F 11 5.34 -4.45 -8.05
CA ASN F 11 5.75 -5.68 -7.37
C ASN F 11 7.10 -6.19 -7.89
N LEU F 12 8.09 -5.29 -7.90
CA LEU F 12 9.45 -5.70 -8.22
C LEU F 12 9.99 -6.57 -7.08
N THR F 13 10.43 -7.78 -7.42
CA THR F 13 10.93 -8.74 -6.44
C THR F 13 12.16 -9.42 -7.01
N SER F 14 12.79 -10.26 -6.19
CA SER F 14 14.06 -10.88 -6.54
C SER F 14 14.04 -12.36 -6.19
N SER F 15 14.98 -13.09 -6.78
CA SER F 15 15.18 -14.50 -6.47
C SER F 15 16.52 -14.92 -7.05
N ASP F 16 16.99 -16.09 -6.61
CA ASP F 16 18.22 -16.70 -7.15
C ASP F 16 19.41 -15.76 -7.00
N GLN F 17 19.54 -15.15 -5.83
CA GLN F 17 20.67 -14.27 -5.55
C GLN F 17 21.96 -15.08 -5.46
N THR F 18 22.99 -14.63 -6.18
CA THR F 18 24.34 -15.18 -6.09
C THR F 18 25.31 -14.06 -5.77
N GLN F 19 26.59 -14.43 -5.64
CA GLN F 19 27.62 -13.44 -5.35
C GLN F 19 27.89 -12.52 -6.54
N SER F 20 27.40 -12.87 -7.73
CA SER F 20 27.67 -12.08 -8.93
C SER F 20 26.42 -11.80 -9.76
N SER F 21 25.24 -12.21 -9.31
CA SER F 21 24.04 -12.05 -10.12
C SER F 21 22.81 -12.15 -9.23
N VAL F 22 21.67 -11.74 -9.79
CA VAL F 22 20.38 -11.87 -9.13
C VAL F 22 19.31 -11.83 -10.20
N GLN F 23 18.23 -12.58 -9.98
CA GLN F 23 17.10 -12.62 -10.91
C GLN F 23 16.01 -11.68 -10.40
N LEU F 24 15.68 -10.68 -11.20
CA LEU F 24 14.61 -9.74 -10.88
C LEU F 24 13.34 -10.12 -11.62
N LYS F 25 12.20 -9.80 -11.02
CA LYS F 25 10.90 -10.12 -11.59
C LYS F 25 9.89 -9.07 -11.17
N TRP F 26 8.94 -8.78 -12.06
CA TRP F 26 7.97 -7.72 -11.81
C TRP F 26 6.72 -7.97 -12.64
N GLU F 27 5.71 -7.15 -12.40
CA GLU F 27 4.45 -7.19 -13.11
C GLU F 27 4.26 -5.93 -13.96
N PRO F 28 3.47 -6.00 -15.02
CA PRO F 28 3.39 -4.87 -15.96
C PRO F 28 2.68 -3.68 -15.34
N PRO F 29 2.83 -2.50 -15.94
CA PRO F 29 2.15 -1.31 -15.42
C PRO F 29 0.64 -1.51 -15.29
N LEU F 30 0.06 -0.85 -14.29
CA LEU F 30 -1.39 -0.82 -14.17
C LEU F 30 -2.04 0.04 -15.23
N LYS F 31 -1.28 0.96 -15.84
CA LYS F 31 -1.78 1.84 -16.89
C LYS F 31 -0.73 1.93 -17.98
N ASP F 32 -1.11 1.63 -19.21
CA ASP F 32 -0.17 1.63 -20.33
C ASP F 32 -0.14 2.96 -21.07
N GLY F 33 -0.89 3.96 -20.62
CA GLY F 33 -0.84 5.27 -21.23
C GLY F 33 -1.41 5.35 -22.62
N GLY F 34 -2.14 4.33 -23.06
CA GLY F 34 -2.78 4.33 -24.36
C GLY F 34 -2.01 3.63 -25.46
N SER F 35 -0.86 3.03 -25.15
CA SER F 35 -0.07 2.34 -26.17
C SER F 35 0.61 1.14 -25.53
N PRO F 36 0.83 0.07 -26.29
CA PRO F 36 1.43 -1.14 -25.70
C PRO F 36 2.81 -0.86 -25.13
N ILE F 37 3.18 -1.67 -24.13
CA ILE F 37 4.51 -1.60 -23.54
C ILE F 37 5.52 -2.20 -24.50
N LEU F 38 6.58 -1.45 -24.81
CA LEU F 38 7.62 -1.95 -25.70
C LEU F 38 8.66 -2.79 -24.95
N GLY F 39 8.91 -2.45 -23.69
CA GLY F 39 9.92 -3.15 -22.92
C GLY F 39 10.21 -2.42 -21.63
N TYR F 40 11.22 -2.91 -20.92
CA TYR F 40 11.53 -2.44 -19.59
C TYR F 40 12.99 -2.05 -19.47
N ILE F 41 13.27 -1.13 -18.56
CA ILE F 41 14.60 -0.61 -18.30
C ILE F 41 14.96 -0.92 -16.85
N ILE F 42 15.98 -1.74 -16.65
CA ILE F 42 16.43 -2.15 -15.32
C ILE F 42 17.61 -1.28 -14.92
N GLU F 43 17.54 -0.73 -13.71
CA GLU F 43 18.62 0.07 -13.14
C GLU F 43 19.05 -0.52 -11.80
N ARG F 44 20.31 -0.29 -11.45
CA ARG F 44 20.83 -0.71 -10.15
C ARG F 44 21.73 0.38 -9.59
N CYS F 45 21.83 0.41 -8.27
CA CYS F 45 22.65 1.38 -7.56
C CYS F 45 23.39 0.66 -6.44
N GLU F 46 24.70 0.82 -6.40
CA GLU F 46 25.54 0.16 -5.42
C GLU F 46 25.72 1.04 -4.18
N GLU F 47 25.86 0.39 -3.03
CA GLU F 47 26.16 1.11 -1.80
C GLU F 47 27.61 1.59 -1.82
N GLY F 48 27.81 2.84 -1.40
CA GLY F 48 29.06 3.52 -1.63
C GLY F 48 29.07 4.36 -2.89
N LYS F 49 27.94 4.47 -3.57
CA LYS F 49 27.79 5.28 -4.77
C LYS F 49 26.35 5.75 -4.84
N ASP F 50 26.16 7.02 -5.21
CA ASP F 50 24.84 7.64 -5.23
C ASP F 50 24.25 7.70 -6.64
N ASN F 51 24.80 6.95 -7.58
CA ASN F 51 24.40 7.03 -8.99
C ASN F 51 23.71 5.75 -9.42
N TRP F 52 22.57 5.90 -10.10
CA TRP F 52 21.86 4.76 -10.67
C TRP F 52 22.45 4.40 -12.02
N ILE F 53 22.60 3.11 -12.27
CA ILE F 53 23.25 2.61 -13.49
C ILE F 53 22.25 1.76 -14.26
N HIS F 54 22.27 1.90 -15.59
CA HIS F 54 21.47 1.06 -16.47
C HIS F 54 22.12 -0.32 -16.60
N CYS F 55 21.32 -1.36 -16.40
CA CYS F 55 21.83 -2.73 -16.47
C CYS F 55 21.72 -3.32 -17.87
N ASN F 56 20.62 -3.07 -18.56
CA ASN F 56 20.39 -3.59 -19.90
C ASN F 56 20.54 -2.49 -20.93
N MET F 57 21.14 -2.83 -22.07
CA MET F 57 21.31 -1.87 -23.15
C MET F 57 20.04 -1.75 -23.99
N LYS F 58 19.55 -2.87 -24.50
CA LYS F 58 18.30 -2.92 -25.24
C LYS F 58 17.14 -3.21 -24.30
N LEU F 59 15.95 -2.77 -24.71
CA LEU F 59 14.77 -2.99 -23.90
C LEU F 59 14.54 -4.48 -23.66
N VAL F 60 14.08 -4.80 -22.46
CA VAL F 60 13.72 -6.18 -22.10
C VAL F 60 12.21 -6.33 -22.32
N PRO F 61 11.75 -7.13 -23.28
CA PRO F 61 10.30 -7.31 -23.46
C PRO F 61 9.67 -8.25 -22.44
N GLU F 62 10.47 -9.02 -21.71
CA GLU F 62 9.94 -9.97 -20.74
C GLU F 62 9.64 -9.27 -19.42
N LEU F 63 9.03 -10.03 -18.49
CA LEU F 63 8.77 -9.55 -17.14
C LEU F 63 9.82 -10.02 -16.15
N THR F 64 11.00 -10.43 -16.64
CA THR F 64 12.07 -10.89 -15.77
C THR F 64 13.40 -10.59 -16.45
N TYR F 65 14.46 -10.55 -15.65
CA TYR F 65 15.78 -10.21 -16.15
C TYR F 65 16.83 -10.58 -15.12
N LYS F 66 17.93 -11.17 -15.58
CA LYS F 66 19.03 -11.57 -14.71
C LYS F 66 20.10 -10.50 -14.74
N VAL F 67 20.29 -9.81 -13.62
CA VAL F 67 21.37 -8.84 -13.48
C VAL F 67 22.67 -9.60 -13.25
N THR F 68 23.73 -9.18 -13.93
CA THR F 68 25.05 -9.79 -13.80
C THR F 68 26.08 -8.72 -13.53
N GLY F 69 27.30 -9.16 -13.21
CA GLY F 69 28.38 -8.24 -12.94
C GLY F 69 28.40 -7.69 -11.53
N LEU F 70 27.68 -8.29 -10.60
CA LEU F 70 27.65 -7.81 -9.24
C LEU F 70 28.97 -8.13 -8.52
N GLU F 71 29.33 -7.27 -7.57
CA GLU F 71 30.57 -7.42 -6.81
C GLU F 71 30.28 -8.13 -5.51
N LYS F 72 31.12 -9.10 -5.16
CA LYS F 72 30.91 -9.90 -3.97
C LYS F 72 30.86 -9.04 -2.72
N GLY F 73 29.86 -9.30 -1.86
CA GLY F 73 29.74 -8.62 -0.60
C GLY F 73 29.10 -7.26 -0.64
N ASN F 74 28.93 -6.67 -1.82
CA ASN F 74 28.34 -5.34 -1.92
C ASN F 74 26.81 -5.43 -1.83
N LYS F 75 26.22 -4.29 -1.46
CA LYS F 75 24.77 -4.15 -1.37
C LYS F 75 24.27 -3.31 -2.55
N TYR F 76 23.14 -3.70 -3.13
CA TYR F 76 22.62 -3.07 -4.34
C TYR F 76 21.15 -2.72 -4.17
N LEU F 77 20.76 -1.60 -4.76
CA LEU F 77 19.36 -1.24 -4.95
C LEU F 77 18.98 -1.46 -6.41
N TYR F 78 17.68 -1.72 -6.64
CA TYR F 78 17.20 -1.99 -7.98
C TYR F 78 15.87 -1.30 -8.21
N ARG F 79 15.63 -0.91 -9.46
CA ARG F 79 14.36 -0.33 -9.88
C ARG F 79 14.20 -0.58 -11.38
N VAL F 80 12.94 -0.67 -11.82
CA VAL F 80 12.64 -0.98 -13.21
C VAL F 80 11.57 -0.02 -13.71
N SER F 81 11.71 0.39 -14.97
CA SER F 81 10.77 1.29 -15.62
C SER F 81 10.19 0.63 -16.86
N ALA F 82 9.04 1.13 -17.30
CA ALA F 82 8.36 0.65 -18.50
C ALA F 82 8.34 1.76 -19.55
N GLU F 83 8.45 1.36 -20.82
CA GLU F 83 8.50 2.31 -21.93
C GLU F 83 7.52 1.91 -23.02
N ASN F 84 6.81 2.91 -23.55
CA ASN F 84 5.99 2.73 -24.75
C ASN F 84 6.39 3.78 -25.79
N LYS F 85 5.63 3.87 -26.88
CA LYS F 85 5.95 4.83 -27.93
C LYS F 85 5.91 6.27 -27.43
N ALA F 86 5.20 6.53 -26.33
CA ALA F 86 5.04 7.89 -25.84
C ALA F 86 6.16 8.32 -24.90
N GLY F 87 6.76 7.40 -24.16
CA GLY F 87 7.85 7.76 -23.28
C GLY F 87 8.11 6.67 -22.26
N VAL F 88 8.87 7.03 -21.23
CA VAL F 88 9.29 6.13 -20.17
C VAL F 88 8.57 6.49 -18.89
N SER F 89 8.12 5.47 -18.16
CA SER F 89 7.44 5.67 -16.90
C SER F 89 8.42 6.06 -15.79
N ASP F 90 7.88 6.53 -14.67
CA ASP F 90 8.68 6.65 -13.48
C ASP F 90 9.15 5.27 -13.04
N PRO F 91 10.30 5.16 -12.40
CA PRO F 91 10.77 3.84 -11.96
C PRO F 91 9.85 3.25 -10.91
N SER F 92 9.82 1.92 -10.86
CA SER F 92 9.06 1.21 -9.85
C SER F 92 9.61 1.56 -8.47
N GLU F 93 8.90 1.09 -7.44
CA GLU F 93 9.41 1.21 -6.07
C GLU F 93 10.77 0.53 -6.00
N ILE F 94 11.67 1.10 -5.20
CA ILE F 94 13.04 0.62 -5.15
C ILE F 94 13.10 -0.70 -4.39
N LEU F 95 13.80 -1.67 -4.96
CA LEU F 95 14.09 -2.94 -4.30
C LEU F 95 15.51 -2.90 -3.76
N GLY F 96 15.70 -3.42 -2.55
CA GLY F 96 16.99 -3.44 -1.92
C GLY F 96 17.06 -2.52 -0.72
N PRO F 97 18.22 -2.46 -0.05
CA PRO F 97 19.49 -3.10 -0.38
C PRO F 97 19.48 -4.64 -0.36
N LEU F 98 20.01 -5.26 -1.42
CA LEU F 98 20.19 -6.70 -1.48
C LEU F 98 21.69 -7.00 -1.60
N THR F 99 22.18 -7.87 -0.74
CA THR F 99 23.60 -8.17 -0.68
C THR F 99 23.97 -9.25 -1.69
N ALA F 100 25.11 -9.05 -2.36
CA ALA F 100 25.59 -9.99 -3.36
C ALA F 100 26.34 -11.11 -2.65
N ASP F 101 25.60 -12.14 -2.25
CA ASP F 101 26.18 -13.32 -1.62
C ASP F 101 25.37 -14.54 -2.01
N ASP F 102 26.05 -15.68 -2.06
CA ASP F 102 25.39 -16.94 -2.40
C ASP F 102 24.36 -17.32 -1.35
#